data_6I4N
#
_entry.id   6I4N
#
loop_
_entity.id
_entity.type
_entity.pdbx_description
1 polymer "DNA (5'-D(*CP*GP*AP*TP*(DP)P*TP*AP*(DZ)P*AP*TP*CP*G)-3')"
2 non-polymer 3-[3-[[4-[[4-[[4-[[4-[[(2~{R})-2-azaniumyl-4-[[1-methyl-4-[[1-methyl-4-[[1-methyl-4-[(1-methylimidazol-2-yl)carbonylamino]pyrrol-2-yl]carbonylamino]pyrrol-2-yl]carbonylamino]pyrrol-2-yl]carbonylamino]butanoyl]amino]-1-methyl-imidazol-2-yl]carbonylamino]-1-methyl-pyrrol-2-yl]carbonylamino]-1-methyl-pyrrol-2-yl]carbonylamino]-1-methyl-pyrrol-2-yl]carbonylamino]propanoylamino]propyl-dimethyl-azanium
#
_entity_poly.entity_id   1
_entity_poly.type   'polydeoxyribonucleotide'
_entity_poly.pdbx_seq_one_letter_code
;(DC)(DG)(DA)(DT)(DP)(DT)(DA)(DZ)(DA)(DT)(DC)(DG)
;
_entity_poly.pdbx_strand_id   A,B
#